data_8VCO
#
_entry.id   8VCO
#
_cell.length_a   73.951
_cell.length_b   64.157
_cell.length_c   75.694
_cell.angle_alpha   90.000
_cell.angle_beta   115.680
_cell.angle_gamma   90.000
#
_symmetry.space_group_name_H-M   'I 1 2 1'
#
loop_
_entity.id
_entity.type
_entity.pdbx_description
1 polymer 'Galactose-binding lectin'
2 non-polymer 2-acetamido-2-deoxy-alpha-D-galactopyranose
3 non-polymer GLYCEROL
4 non-polymer N-Acetyl-D-Talosamine
5 non-polymer 'ACETATE ION'
6 non-polymer DI(HYDROXYETHYL)ETHER
7 water water
#
_entity_poly.entity_id   1
_entity_poly.type   'polypeptide(L)'
_entity_poly.pdbx_seq_one_letter_code
;GHMTTFLIKHKASGKFLHPKGGSSNPANDTNLVLHSDIHERMYFQFDVVDERWGYIKHAASGKIVHPLGGKADPPNETKL
VLHQDRHDRALFAMDFFNDNIIHKAGKYIHPKGGSTNPPNETLTVMHGDKHKAMEFIFVSPKDKDKRVLVYV
;
_entity_poly.pdbx_strand_id   A,B
#
loop_
_chem_comp.id
_chem_comp.type
_chem_comp.name
_chem_comp.formula
A1AAJ non-polymer N-Acetyl-D-Talosamine 'C8 H15 N O6'
A2G D-saccharide, alpha linking 2-acetamido-2-deoxy-alpha-D-galactopyranose 'C8 H15 N O6'
ACT non-polymer 'ACETATE ION' 'C2 H3 O2 -1'
GOL non-polymer GLYCEROL 'C3 H8 O3'
PEG non-polymer DI(HYDROXYETHYL)ETHER 'C4 H10 O3'
#
# COMPACT_ATOMS: atom_id res chain seq x y z
N MET A 3 -13.33 -4.38 4.81
CA MET A 3 -14.00 -5.37 5.66
C MET A 3 -13.01 -6.40 6.24
N THR A 4 -11.79 -6.45 5.70
CA THR A 4 -10.75 -7.30 6.27
C THR A 4 -10.55 -6.96 7.74
N THR A 5 -10.59 -7.98 8.61
CA THR A 5 -10.19 -7.85 10.01
C THR A 5 -8.76 -8.32 10.17
N PHE A 6 -7.97 -7.61 11.00
CA PHE A 6 -6.56 -7.93 11.04
C PHE A 6 -5.97 -7.58 12.39
N LEU A 7 -4.82 -8.16 12.66
CA LEU A 7 -4.00 -7.79 13.79
C LEU A 7 -2.93 -6.79 13.36
N ILE A 8 -2.67 -5.81 14.21
CA ILE A 8 -1.56 -4.88 13.98
C ILE A 8 -0.37 -5.37 14.78
N LYS A 9 0.62 -5.91 14.09
CA LYS A 9 1.74 -6.62 14.72
C LYS A 9 3.00 -5.75 14.66
N HIS A 10 3.58 -5.45 15.83
CA HIS A 10 4.86 -4.77 15.87
C HIS A 10 5.92 -5.73 15.35
N LYS A 11 6.62 -5.34 14.27
CA LYS A 11 7.37 -6.31 13.51
C LYS A 11 8.57 -6.84 14.30
N ALA A 12 9.25 -5.97 15.03
CA ALA A 12 10.49 -6.42 15.68
C ALA A 12 10.21 -7.30 16.88
N SER A 13 9.09 -7.11 17.57
CA SER A 13 8.82 -7.82 18.82
C SER A 13 7.81 -8.91 18.66
N GLY A 14 6.95 -8.82 17.65
CA GLY A 14 5.82 -9.72 17.58
C GLY A 14 4.63 -9.41 18.48
N LYS A 15 4.71 -8.35 19.29
CA LYS A 15 3.55 -7.95 20.08
C LYS A 15 2.56 -7.24 19.18
N PHE A 16 1.36 -7.05 19.68
CA PHE A 16 0.25 -6.49 18.91
C PHE A 16 -0.29 -5.21 19.55
N LEU A 17 -0.96 -4.40 18.71
CA LEU A 17 -1.67 -3.21 19.23
C LEU A 17 -2.96 -3.62 19.94
N HIS A 18 -3.16 -3.11 21.15
CA HIS A 18 -4.33 -3.38 21.99
C HIS A 18 -4.86 -2.08 22.57
N PRO A 19 -6.17 -1.98 22.84
CA PRO A 19 -6.62 -0.98 23.81
C PRO A 19 -6.14 -1.39 25.20
N LYS A 20 -5.60 -0.45 25.94
CA LYS A 20 -5.17 -0.77 27.31
C LYS A 20 -6.35 -1.32 28.09
N GLY A 21 -6.19 -2.49 28.70
CA GLY A 21 -7.29 -3.16 29.36
C GLY A 21 -8.06 -4.16 28.52
N GLY A 22 -7.93 -4.12 27.20
CA GLY A 22 -8.56 -5.15 26.36
C GLY A 22 -10.07 -5.20 26.34
N SER A 23 -10.72 -4.07 26.54
CA SER A 23 -12.18 -4.03 26.63
C SER A 23 -12.82 -4.17 25.26
N SER A 24 -13.98 -4.81 25.21
CA SER A 24 -14.78 -4.75 23.99
C SER A 24 -15.40 -3.38 23.78
N ASN A 25 -15.45 -2.53 24.80
CA ASN A 25 -15.88 -1.14 24.65
C ASN A 25 -15.02 -0.21 25.50
N PRO A 26 -13.79 0.04 25.07
CA PRO A 26 -12.91 0.97 25.80
C PRO A 26 -13.53 2.34 25.88
N ALA A 27 -13.29 3.01 27.00
CA ALA A 27 -13.68 4.42 27.10
C ALA A 27 -12.93 5.28 26.09
N ASN A 28 -13.54 6.40 25.71
CA ASN A 28 -12.82 7.38 24.93
C ASN A 28 -11.52 7.75 25.61
N ASP A 29 -10.49 7.97 24.78
CA ASP A 29 -9.13 8.33 25.18
C ASP A 29 -8.39 7.18 25.89
N THR A 30 -8.88 5.94 25.79
CA THR A 30 -8.11 4.77 26.22
C THR A 30 -6.81 4.67 25.43
N ASN A 31 -5.67 4.50 26.12
CA ASN A 31 -4.39 4.39 25.42
C ASN A 31 -4.34 3.11 24.61
N LEU A 32 -3.61 3.16 23.50
CA LEU A 32 -3.26 2.00 22.69
C LEU A 32 -1.86 1.54 23.10
N VAL A 33 -1.75 0.27 23.47
CA VAL A 33 -0.52 -0.30 24.00
C VAL A 33 -0.12 -1.48 23.13
N LEU A 34 1.09 -1.99 23.36
CA LEU A 34 1.53 -3.25 22.78
C LEU A 34 1.36 -4.38 23.78
N HIS A 35 0.91 -5.53 23.31
CA HIS A 35 0.68 -6.65 24.20
C HIS A 35 0.74 -7.93 23.38
N SER A 36 1.23 -9.00 24.03
CA SER A 36 1.44 -10.28 23.37
C SER A 36 0.16 -11.07 23.10
N ASP A 37 -0.93 -10.82 23.82
CA ASP A 37 -2.12 -11.65 23.73
C ASP A 37 -2.81 -11.45 22.38
N ILE A 38 -3.49 -12.49 21.91
CA ILE A 38 -4.38 -12.44 20.75
C ILE A 38 -5.79 -12.79 21.21
N HIS A 39 -6.76 -11.93 20.88
CA HIS A 39 -8.18 -12.17 21.14
C HIS A 39 -8.99 -11.16 20.34
N GLU A 40 -10.34 -11.34 20.37
CA GLU A 40 -11.19 -10.52 19.49
C GLU A 40 -11.21 -9.06 19.86
N ARG A 41 -10.79 -8.68 21.06
CA ARG A 41 -10.79 -7.29 21.47
C ARG A 41 -9.50 -6.56 21.08
N MET A 42 -8.63 -7.19 20.28
CA MET A 42 -7.51 -6.48 19.71
C MET A 42 -7.51 -6.62 18.19
N TYR A 43 -8.60 -7.09 17.61
CA TYR A 43 -8.77 -7.04 16.16
C TYR A 43 -9.03 -5.62 15.71
N PHE A 44 -8.51 -5.27 14.52
CA PHE A 44 -8.75 -3.97 13.91
C PHE A 44 -9.27 -4.15 12.49
N GLN A 45 -9.87 -3.06 12.01
CA GLN A 45 -10.29 -2.89 10.62
C GLN A 45 -9.80 -1.53 10.17
N PHE A 46 -9.85 -1.27 8.85
CA PHE A 46 -9.40 0.01 8.31
C PHE A 46 -10.50 0.53 7.40
N ASP A 47 -11.00 1.72 7.69
CA ASP A 47 -12.10 2.34 6.91
C ASP A 47 -11.49 3.38 5.98
N VAL A 48 -11.48 3.08 4.66
CA VAL A 48 -10.85 4.02 3.72
C VAL A 48 -11.68 5.29 3.58
N VAL A 49 -11.02 6.44 3.64
CA VAL A 49 -11.66 7.73 3.50
C VAL A 49 -11.25 8.40 2.19
N ASP A 50 -9.95 8.38 1.85
CA ASP A 50 -9.51 9.11 0.66
C ASP A 50 -8.19 8.47 0.21
N GLU A 51 -8.30 7.53 -0.75
CA GLU A 51 -7.15 6.83 -1.33
C GLU A 51 -6.37 6.14 -0.20
N ARG A 52 -5.16 6.59 0.15
CA ARG A 52 -4.44 5.87 1.21
C ARG A 52 -4.94 6.20 2.61
N TRP A 53 -5.65 7.31 2.79
CA TRP A 53 -6.00 7.81 4.11
C TRP A 53 -7.30 7.19 4.60
N GLY A 54 -7.32 6.86 5.89
CA GLY A 54 -8.53 6.30 6.45
C GLY A 54 -8.44 6.21 7.96
N TYR A 55 -9.42 5.56 8.54
CA TYR A 55 -9.53 5.44 10.00
C TYR A 55 -9.11 4.03 10.43
N ILE A 56 -8.26 3.94 11.47
CA ILE A 56 -7.88 2.63 12.02
C ILE A 56 -8.90 2.29 13.11
N LYS A 57 -9.73 1.30 12.87
CA LYS A 57 -10.93 1.06 13.69
C LYS A 57 -10.76 -0.18 14.57
N HIS A 58 -10.94 0.02 15.88
CA HIS A 58 -11.05 -1.10 16.82
C HIS A 58 -12.31 -1.91 16.51
N ALA A 59 -12.14 -3.16 16.11
CA ALA A 59 -13.29 -3.89 15.55
C ALA A 59 -14.40 -4.07 16.57
N ALA A 60 -14.04 -4.32 17.84
CA ALA A 60 -15.08 -4.68 18.80
C ALA A 60 -15.94 -3.47 19.17
N SER A 61 -15.33 -2.28 19.25
CA SER A 61 -16.05 -1.09 19.72
C SER A 61 -16.41 -0.09 18.64
N GLY A 62 -15.72 -0.09 17.51
CA GLY A 62 -15.96 0.96 16.54
C GLY A 62 -15.22 2.25 16.78
N LYS A 63 -14.55 2.41 17.91
CA LYS A 63 -13.75 3.59 18.11
C LYS A 63 -12.50 3.47 17.23
N ILE A 64 -11.93 4.62 16.87
CA ILE A 64 -10.80 4.68 15.97
C ILE A 64 -9.57 5.29 16.67
N VAL A 65 -8.42 5.12 16.03
CA VAL A 65 -7.17 5.65 16.56
C VAL A 65 -7.09 7.17 16.34
N HIS A 66 -6.75 7.91 17.40
CA HIS A 66 -6.51 9.34 17.35
C HIS A 66 -5.18 9.65 18.03
N PRO A 67 -4.49 10.70 17.60
CA PRO A 67 -3.57 11.41 18.52
C PRO A 67 -4.37 12.01 19.67
N LEU A 68 -3.91 11.75 20.90
CA LEU A 68 -4.54 12.32 22.08
C LEU A 68 -4.68 13.82 21.91
N GLY A 69 -5.88 14.34 22.15
CA GLY A 69 -6.17 15.75 21.92
C GLY A 69 -6.60 16.09 20.53
N GLY A 70 -6.47 15.17 19.57
CA GLY A 70 -6.95 15.38 18.21
C GLY A 70 -6.34 16.54 17.46
N LYS A 71 -5.07 16.83 17.68
CA LYS A 71 -4.45 17.98 16.98
C LYS A 71 -4.06 17.58 15.55
N ALA A 72 -4.10 18.54 14.63
CA ALA A 72 -3.81 18.21 13.24
C ALA A 72 -2.33 17.90 13.01
N ASP A 73 -1.45 18.51 13.79
CA ASP A 73 -0.01 18.37 13.58
C ASP A 73 0.64 18.04 14.91
N PRO A 74 0.37 16.85 15.46
CA PRO A 74 0.80 16.54 16.84
C PRO A 74 2.31 16.44 16.95
N PRO A 75 2.88 16.88 18.07
CA PRO A 75 4.32 16.77 18.28
C PRO A 75 4.77 15.35 18.58
N ASN A 76 6.08 15.12 18.44
CA ASN A 76 6.68 13.88 18.87
C ASN A 76 6.25 13.56 20.31
N GLU A 77 6.03 12.26 20.58
CA GLU A 77 5.65 11.66 21.85
C GLU A 77 4.19 11.88 22.20
N THR A 78 3.38 12.40 21.27
CA THR A 78 1.93 12.42 21.48
C THR A 78 1.39 10.99 21.55
N LYS A 79 0.67 10.68 22.64
CA LYS A 79 0.08 9.36 22.85
C LYS A 79 -1.01 9.06 21.82
N LEU A 80 -1.11 7.77 21.47
CA LEU A 80 -2.21 7.30 20.61
C LEU A 80 -3.30 6.71 21.52
N VAL A 81 -4.56 7.00 21.19
CA VAL A 81 -5.70 6.56 21.98
C VAL A 81 -6.80 6.14 21.02
N LEU A 82 -7.83 5.49 21.57
CA LEU A 82 -9.07 5.24 20.85
C LEU A 82 -10.07 6.35 21.17
N HIS A 83 -10.87 6.72 20.17
CA HIS A 83 -11.94 7.69 20.44
C HIS A 83 -13.03 7.48 19.41
N GLN A 84 -14.28 7.75 19.80
CA GLN A 84 -15.39 7.56 18.87
C GLN A 84 -15.42 8.57 17.73
N ASP A 85 -14.87 9.76 17.91
CA ASP A 85 -15.06 10.82 16.93
C ASP A 85 -14.42 10.46 15.58
N ARG A 86 -15.05 10.88 14.51
CA ARG A 86 -14.53 10.80 13.16
C ARG A 86 -14.25 12.20 12.66
N HIS A 87 -12.99 12.49 12.36
CA HIS A 87 -12.61 13.77 11.77
C HIS A 87 -11.23 13.63 11.12
N ASP A 88 -10.79 14.70 10.44
CA ASP A 88 -9.65 14.52 9.58
C ASP A 88 -8.32 14.49 10.34
N ARG A 89 -8.35 14.68 11.66
CA ARG A 89 -7.05 14.61 12.39
C ARG A 89 -6.81 13.17 12.85
N ALA A 90 -7.78 12.30 12.59
CA ALA A 90 -7.61 10.89 12.90
C ALA A 90 -7.30 10.07 11.63
N LEU A 91 -6.80 10.72 10.58
CA LEU A 91 -6.50 10.01 9.34
C LEU A 91 -5.10 9.44 9.38
N PHE A 92 -4.97 8.15 9.02
CA PHE A 92 -3.68 7.45 8.93
C PHE A 92 -3.63 6.70 7.61
N ALA A 93 -2.43 6.30 7.21
CA ALA A 93 -2.28 5.39 6.09
C ALA A 93 -1.52 4.15 6.59
N MET A 94 -1.87 2.99 6.03
CA MET A 94 -1.28 1.70 6.43
CA MET A 94 -1.28 1.72 6.44
C MET A 94 -0.27 1.33 5.37
N ASP A 95 1.00 1.70 5.60
CA ASP A 95 2.04 1.53 4.58
C ASP A 95 2.55 0.09 4.68
N PHE A 96 1.92 -0.80 3.92
CA PHE A 96 2.33 -2.21 3.94
C PHE A 96 3.50 -2.51 3.02
N PHE A 97 4.11 -1.50 2.41
CA PHE A 97 5.32 -1.72 1.66
C PHE A 97 6.56 -1.39 2.47
N ASN A 98 6.56 -0.24 3.16
CA ASN A 98 7.63 0.10 4.09
C ASN A 98 7.37 -0.41 5.50
N ASP A 99 6.19 -0.96 5.75
CA ASP A 99 5.78 -1.59 7.02
C ASP A 99 5.75 -0.54 8.14
N ASN A 100 4.92 0.49 7.95
CA ASN A 100 4.71 1.41 9.07
C ASN A 100 3.29 1.95 8.98
N ILE A 101 2.90 2.73 10.01
CA ILE A 101 1.61 3.40 10.06
C ILE A 101 1.88 4.88 10.19
N ILE A 102 1.37 5.66 9.23
CA ILE A 102 1.74 7.07 9.12
C ILE A 102 0.49 7.93 9.28
N HIS A 103 0.61 8.96 10.13
CA HIS A 103 -0.49 9.90 10.33
C HIS A 103 -0.45 10.95 9.20
N LYS A 104 -1.59 11.59 8.97
CA LYS A 104 -1.71 12.53 7.83
C LYS A 104 -0.65 13.64 7.89
N ALA A 105 -0.22 14.04 9.09
CA ALA A 105 0.78 15.11 9.18
C ALA A 105 2.24 14.60 9.14
N GLY A 106 2.46 13.29 8.97
CA GLY A 106 3.76 12.78 8.59
C GLY A 106 4.50 11.97 9.63
N LYS A 107 4.02 11.93 10.87
CA LYS A 107 4.70 11.17 11.90
CA LYS A 107 4.71 11.16 11.90
C LYS A 107 4.16 9.74 11.92
N TYR A 108 4.93 8.83 12.54
CA TYR A 108 4.59 7.41 12.58
C TYR A 108 4.17 6.94 13.97
N ILE A 109 3.46 5.81 14.02
CA ILE A 109 3.21 5.16 15.30
C ILE A 109 4.48 4.45 15.74
N HIS A 110 4.92 4.71 16.99
CA HIS A 110 6.09 4.10 17.62
C HIS A 110 5.69 3.46 18.95
N PRO A 111 6.40 2.43 19.41
CA PRO A 111 6.36 2.14 20.85
C PRO A 111 7.10 3.24 21.60
N LYS A 112 6.55 3.64 22.76
CA LYS A 112 7.20 4.71 23.51
C LYS A 112 8.59 4.26 23.96
N GLY A 113 9.57 5.03 23.57
CA GLY A 113 10.97 4.73 23.85
C GLY A 113 11.69 4.01 22.75
N GLY A 114 10.95 3.41 21.81
CA GLY A 114 11.60 2.95 20.61
C GLY A 114 12.29 1.62 20.68
N SER A 115 11.96 0.80 21.67
CA SER A 115 12.59 -0.50 21.81
C SER A 115 12.12 -1.51 20.76
N THR A 116 13.02 -2.39 20.33
CA THR A 116 12.64 -3.47 19.42
C THR A 116 11.90 -4.58 20.14
N ASN A 117 12.01 -4.67 21.46
CA ASN A 117 11.26 -5.64 22.26
CA ASN A 117 11.21 -5.63 22.23
C ASN A 117 10.64 -4.96 23.48
N PRO A 118 9.68 -4.09 23.29
CA PRO A 118 9.03 -3.45 24.44
C PRO A 118 8.23 -4.47 25.23
N PRO A 119 8.13 -4.31 26.55
CA PRO A 119 7.29 -5.20 27.36
C PRO A 119 5.81 -4.96 27.15
N ASN A 120 5.02 -5.97 27.52
CA ASN A 120 3.55 -5.78 27.51
C ASN A 120 3.17 -4.50 28.23
N GLU A 121 2.13 -3.85 27.72
CA GLU A 121 1.57 -2.58 28.21
C GLU A 121 2.36 -1.34 27.83
N THR A 122 3.41 -1.44 27.01
CA THR A 122 4.12 -0.24 26.58
C THR A 122 3.21 0.65 25.74
N LEU A 123 3.24 1.95 26.03
CA LEU A 123 2.35 2.87 25.31
C LEU A 123 2.83 3.04 23.89
N THR A 124 1.92 3.45 22.99
CA THR A 124 2.35 3.89 21.68
C THR A 124 2.22 5.41 21.57
N VAL A 125 3.09 6.00 20.75
CA VAL A 125 3.17 7.43 20.56
C VAL A 125 3.48 7.75 19.11
N MET A 126 3.22 9.00 18.73
CA MET A 126 3.65 9.50 17.44
CA MET A 126 3.64 9.53 17.44
C MET A 126 5.10 9.97 17.47
N HIS A 127 5.83 9.65 16.40
CA HIS A 127 7.21 10.15 16.33
C HIS A 127 7.63 10.19 14.86
N GLY A 128 8.39 11.22 14.49
CA GLY A 128 8.79 11.32 13.10
C GLY A 128 9.90 10.40 12.68
N ASP A 129 10.64 9.82 13.63
CA ASP A 129 11.79 9.00 13.23
C ASP A 129 11.33 7.73 12.49
N LYS A 130 12.21 7.24 11.62
CA LYS A 130 12.04 5.95 10.94
C LYS A 130 13.20 5.04 11.33
N HIS A 131 12.88 3.80 11.76
CA HIS A 131 13.88 2.81 12.15
C HIS A 131 13.14 1.49 12.38
N LYS A 132 13.89 0.41 12.67
CA LYS A 132 13.25 -0.91 12.71
C LYS A 132 12.19 -1.01 13.80
N ALA A 133 12.33 -0.26 14.90
CA ALA A 133 11.40 -0.41 16.02
C ALA A 133 10.05 0.29 15.81
N MET A 134 9.86 1.05 14.75
CA MET A 134 8.50 1.53 14.43
C MET A 134 7.87 0.79 13.24
N GLU A 135 8.43 -0.37 12.84
CA GLU A 135 7.78 -1.14 11.77
C GLU A 135 6.63 -1.99 12.31
N PHE A 136 5.53 -2.01 11.52
CA PHE A 136 4.36 -2.82 11.80
C PHE A 136 3.93 -3.57 10.56
N ILE A 137 3.43 -4.78 10.76
CA ILE A 137 2.77 -5.54 9.69
C ILE A 137 1.35 -5.91 10.12
N PHE A 138 0.52 -6.29 9.13
CA PHE A 138 -0.93 -6.39 9.32
C PHE A 138 -1.32 -7.82 8.92
N VAL A 139 -1.78 -8.62 9.90
CA VAL A 139 -1.82 -10.06 9.71
C VAL A 139 -3.20 -10.63 10.04
N SER A 140 -3.41 -11.86 9.56
CA SER A 140 -4.68 -12.55 9.75
C SER A 140 -4.90 -12.97 11.20
N PRO A 141 -6.10 -12.76 11.74
CA PRO A 141 -6.42 -13.29 13.07
C PRO A 141 -6.32 -14.80 13.10
N LYS A 142 -6.36 -15.47 11.96
CA LYS A 142 -6.22 -16.91 11.91
C LYS A 142 -4.80 -17.38 11.63
N ASP A 143 -3.88 -16.48 11.25
CA ASP A 143 -2.49 -16.85 11.06
C ASP A 143 -1.69 -15.59 11.29
N LYS A 144 -1.12 -15.44 12.47
CA LYS A 144 -0.42 -14.21 12.82
CA LYS A 144 -0.43 -14.19 12.79
C LYS A 144 0.87 -13.99 12.04
N ASP A 145 1.28 -14.93 11.18
CA ASP A 145 2.41 -14.71 10.30
C ASP A 145 2.01 -14.46 8.86
N LYS A 146 0.70 -14.42 8.55
CA LYS A 146 0.20 -14.20 7.20
C LYS A 146 -0.30 -12.77 7.03
N ARG A 147 0.37 -12.00 6.18
CA ARG A 147 -0.07 -10.63 5.93
C ARG A 147 -1.38 -10.65 5.16
N VAL A 148 -2.21 -9.64 5.46
CA VAL A 148 -3.48 -9.53 4.81
C VAL A 148 -3.62 -8.08 4.34
N LEU A 149 -4.39 -7.91 3.29
CA LEU A 149 -4.62 -6.60 2.70
C LEU A 149 -5.66 -5.82 3.50
N VAL A 150 -5.24 -4.69 4.09
CA VAL A 150 -6.16 -3.96 4.97
C VAL A 150 -7.05 -3.00 4.22
N TYR A 151 -6.75 -2.74 2.94
CA TYR A 151 -7.48 -1.74 2.19
C TYR A 151 -8.72 -2.34 1.54
N VAL A 152 -8.77 -3.64 1.36
CA VAL A 152 -10.10 -4.20 1.00
C VAL A 152 -10.91 -4.71 2.19
N MET B 3 -14.60 -1.73 -8.72
CA MET B 3 -13.25 -2.11 -9.20
C MET B 3 -12.58 -0.82 -9.69
N THR B 4 -11.58 -0.30 -8.99
CA THR B 4 -11.08 1.02 -9.37
C THR B 4 -10.45 0.93 -10.76
N THR B 5 -10.85 1.83 -11.67
CA THR B 5 -10.16 2.00 -12.96
C THR B 5 -9.22 3.20 -12.87
N PHE B 6 -7.98 3.05 -13.39
CA PHE B 6 -6.98 4.08 -13.15
C PHE B 6 -6.02 4.16 -14.34
N LEU B 7 -5.25 5.26 -14.38
CA LEU B 7 -4.14 5.41 -15.32
C LEU B 7 -2.83 5.15 -14.59
N ILE B 8 -1.89 4.49 -15.26
CA ILE B 8 -0.54 4.26 -14.69
C ILE B 8 0.32 5.39 -15.24
N LYS B 9 0.64 6.38 -14.40
CA LYS B 9 1.31 7.61 -14.84
C LYS B 9 2.79 7.56 -14.47
N HIS B 10 3.65 7.63 -15.48
CA HIS B 10 5.09 7.79 -15.22
C HIS B 10 5.30 9.12 -14.53
N LYS B 11 5.80 9.08 -13.29
CA LYS B 11 5.81 10.29 -12.48
C LYS B 11 6.69 11.37 -13.09
N ALA B 12 7.88 11.00 -13.59
CA ALA B 12 8.85 12.01 -14.01
C ALA B 12 8.42 12.74 -15.27
N SER B 13 7.72 12.07 -16.17
CA SER B 13 7.36 12.64 -17.47
C SER B 13 5.89 13.00 -17.62
N GLY B 14 5.01 12.43 -16.78
CA GLY B 14 3.57 12.56 -17.01
C GLY B 14 2.98 11.72 -18.13
N LYS B 15 3.79 10.91 -18.81
CA LYS B 15 3.23 9.97 -19.78
C LYS B 15 2.67 8.77 -19.05
N PHE B 16 1.90 7.97 -19.79
CA PHE B 16 1.11 6.86 -19.25
C PHE B 16 1.49 5.53 -19.90
N LEU B 17 1.21 4.42 -19.18
CA LEU B 17 1.39 3.10 -19.76
C LEU B 17 0.26 2.82 -20.74
N HIS B 18 0.60 2.31 -21.93
CA HIS B 18 -0.31 1.94 -23.02
C HIS B 18 0.07 0.59 -23.59
N PRO B 19 -0.88 -0.17 -24.10
CA PRO B 19 -0.52 -1.19 -25.11
C PRO B 19 -0.08 -0.50 -26.38
N LYS B 20 1.04 -0.96 -26.95
CA LYS B 20 1.52 -0.39 -28.21
C LYS B 20 0.41 -0.48 -29.26
N GLY B 21 0.07 0.67 -29.87
CA GLY B 21 -1.02 0.69 -30.82
C GLY B 21 -2.37 1.09 -30.23
N GLY B 22 -2.55 0.97 -28.92
CA GLY B 22 -3.77 1.47 -28.31
C GLY B 22 -5.03 0.72 -28.64
N SER B 23 -4.93 -0.59 -28.91
CA SER B 23 -6.09 -1.40 -29.26
C SER B 23 -6.98 -1.67 -28.06
N SER B 24 -8.28 -1.78 -28.31
CA SER B 24 -9.14 -2.29 -27.25
C SER B 24 -9.10 -3.79 -27.13
N ASN B 25 -8.41 -4.49 -28.05
CA ASN B 25 -8.08 -5.89 -27.84
C ASN B 25 -6.72 -6.19 -28.41
N PRO B 26 -5.66 -5.77 -27.71
CA PRO B 26 -4.31 -6.08 -28.16
C PRO B 26 -4.11 -7.57 -28.26
N ALA B 27 -3.32 -7.97 -29.26
CA ALA B 27 -2.91 -9.36 -29.37
C ALA B 27 -2.03 -9.76 -28.19
N ASN B 28 -2.03 -11.04 -27.88
CA ASN B 28 -1.11 -11.53 -26.88
C ASN B 28 0.33 -11.19 -27.26
N ASP B 29 1.12 -10.78 -26.26
CA ASP B 29 2.50 -10.33 -26.35
C ASP B 29 2.67 -8.95 -26.99
N THR B 30 1.60 -8.15 -27.02
CA THR B 30 1.75 -6.75 -27.36
C THR B 30 2.60 -6.03 -26.31
N ASN B 31 3.56 -5.25 -26.78
CA ASN B 31 4.42 -4.55 -25.82
C ASN B 31 3.67 -3.46 -25.09
N LEU B 32 4.08 -3.21 -23.86
CA LEU B 32 3.62 -2.05 -23.10
C LEU B 32 4.59 -0.89 -23.25
N VAL B 33 4.07 0.28 -23.63
CA VAL B 33 4.90 1.44 -23.91
C VAL B 33 4.42 2.63 -23.09
N LEU B 34 5.22 3.69 -23.10
CA LEU B 34 4.77 4.97 -22.55
C LEU B 34 4.25 5.86 -23.66
N HIS B 35 3.15 6.57 -23.39
CA HIS B 35 2.59 7.47 -24.39
C HIS B 35 1.79 8.56 -23.67
N SER B 36 1.82 9.78 -24.21
CA SER B 36 1.14 10.91 -23.58
C SER B 36 -0.38 10.89 -23.74
N ASP B 37 -0.93 10.15 -24.70
CA ASP B 37 -2.36 10.20 -24.97
C ASP B 37 -3.16 9.65 -23.79
N ILE B 38 -4.41 10.11 -23.63
CA ILE B 38 -5.31 9.49 -22.65
C ILE B 38 -6.57 9.04 -23.39
N HIS B 39 -6.95 7.79 -23.17
CA HIS B 39 -8.18 7.24 -23.74
C HIS B 39 -8.50 5.94 -23.03
N GLU B 40 -9.69 5.40 -23.31
CA GLU B 40 -10.14 4.26 -22.52
C GLU B 40 -9.30 2.99 -22.77
N ARG B 41 -8.49 2.95 -23.83
CA ARG B 41 -7.67 1.78 -24.10
C ARG B 41 -6.34 1.87 -23.41
N MET B 42 -6.13 2.85 -22.51
CA MET B 42 -4.94 2.80 -21.63
C MET B 42 -5.37 2.84 -20.16
N TYR B 43 -6.64 2.58 -19.89
CA TYR B 43 -7.11 2.37 -18.53
C TYR B 43 -6.71 0.99 -18.03
N PHE B 44 -6.39 0.91 -16.72
CA PHE B 44 -5.99 -0.35 -16.11
C PHE B 44 -6.83 -0.59 -14.87
N GLN B 45 -6.87 -1.87 -14.47
CA GLN B 45 -7.45 -2.26 -13.19
C GLN B 45 -6.44 -3.14 -12.48
N PHE B 46 -6.70 -3.50 -11.21
CA PHE B 46 -5.77 -4.39 -10.52
C PHE B 46 -6.60 -5.49 -9.86
N ASP B 47 -6.27 -6.73 -10.14
CA ASP B 47 -7.01 -7.86 -9.55
C ASP B 47 -6.16 -8.48 -8.45
N VAL B 48 -6.60 -8.35 -7.19
CA VAL B 48 -5.80 -8.82 -6.06
C VAL B 48 -5.85 -10.34 -6.04
N VAL B 49 -4.69 -10.95 -5.84
CA VAL B 49 -4.56 -12.40 -5.74
C VAL B 49 -4.19 -12.82 -4.32
N ASP B 50 -3.24 -12.13 -3.69
CA ASP B 50 -2.72 -12.55 -2.39
C ASP B 50 -2.10 -11.30 -1.76
N GLU B 51 -2.86 -10.65 -0.88
CA GLU B 51 -2.42 -9.47 -0.16
C GLU B 51 -1.93 -8.43 -1.18
N ARG B 52 -0.62 -8.11 -1.22
CA ARG B 52 -0.17 -7.06 -2.13
C ARG B 52 -0.10 -7.53 -3.58
N TRP B 53 -0.08 -8.84 -3.80
CA TRP B 53 0.26 -9.39 -5.11
C TRP B 53 -1.02 -9.56 -5.94
N GLY B 54 -0.94 -9.19 -7.22
CA GLY B 54 -2.11 -9.41 -8.09
C GLY B 54 -1.73 -9.14 -9.54
N TYR B 55 -2.77 -9.06 -10.38
CA TYR B 55 -2.58 -8.93 -11.82
C TYR B 55 -2.89 -7.50 -12.23
N ILE B 56 -1.97 -6.88 -12.98
CA ILE B 56 -2.25 -5.56 -13.57
C ILE B 56 -3.01 -5.81 -14.86
N LYS B 57 -4.26 -5.36 -14.89
CA LYS B 57 -5.19 -5.75 -15.95
C LYS B 57 -5.50 -4.57 -16.88
N HIS B 58 -5.26 -4.79 -18.16
CA HIS B 58 -5.70 -3.81 -19.17
C HIS B 58 -7.23 -3.83 -19.23
N ALA B 59 -7.88 -2.68 -18.94
CA ALA B 59 -9.32 -2.74 -18.71
C ALA B 59 -10.08 -3.12 -19.99
N ALA B 60 -9.63 -2.61 -21.14
CA ALA B 60 -10.46 -2.79 -22.35
C ALA B 60 -10.47 -4.25 -22.81
N SER B 61 -9.33 -4.95 -22.64
CA SER B 61 -9.21 -6.32 -23.16
C SER B 61 -9.23 -7.39 -22.10
N GLY B 62 -8.94 -7.04 -20.83
CA GLY B 62 -8.82 -8.03 -19.80
C GLY B 62 -7.45 -8.68 -19.73
N LYS B 63 -6.59 -8.43 -20.71
CA LYS B 63 -5.26 -9.07 -20.67
C LYS B 63 -4.46 -8.41 -19.56
N ILE B 64 -3.46 -9.13 -19.03
CA ILE B 64 -2.68 -8.64 -17.90
C ILE B 64 -1.22 -8.48 -18.29
N VAL B 65 -0.49 -7.74 -17.43
CA VAL B 65 0.91 -7.45 -17.67
C VAL B 65 1.77 -8.68 -17.35
N HIS B 66 2.62 -9.05 -18.29
CA HIS B 66 3.58 -10.17 -18.14
C HIS B 66 4.98 -9.72 -18.50
N PRO B 67 6.03 -10.22 -17.82
CA PRO B 67 7.35 -10.23 -18.45
C PRO B 67 7.27 -11.12 -19.68
N LEU B 68 7.87 -10.65 -20.78
CA LEU B 68 7.81 -11.42 -22.02
C LEU B 68 8.39 -12.80 -21.80
N GLY B 69 7.65 -13.81 -22.24
CA GLY B 69 8.05 -15.18 -22.00
C GLY B 69 7.60 -15.74 -20.68
N GLY B 70 7.04 -14.91 -19.80
CA GLY B 70 6.54 -15.41 -18.54
C GLY B 70 7.64 -15.91 -17.63
N LYS B 71 8.82 -15.29 -17.68
CA LYS B 71 9.94 -15.72 -16.88
C LYS B 71 9.64 -15.54 -15.39
N ALA B 72 9.98 -16.55 -14.58
CA ALA B 72 9.73 -16.46 -13.14
C ALA B 72 10.60 -15.41 -12.45
N ASP B 73 11.82 -15.26 -12.91
CA ASP B 73 12.77 -14.31 -12.34
C ASP B 73 13.40 -13.57 -13.52
N PRO B 74 12.65 -12.66 -14.11
CA PRO B 74 13.08 -12.00 -15.36
C PRO B 74 14.34 -11.16 -15.15
N PRO B 75 15.33 -11.27 -16.03
CA PRO B 75 16.52 -10.41 -15.93
C PRO B 75 16.19 -8.97 -16.26
N ASN B 76 17.11 -8.09 -15.85
CA ASN B 76 17.06 -6.73 -16.33
C ASN B 76 16.88 -6.69 -17.83
N GLU B 77 16.04 -5.75 -18.27
CA GLU B 77 15.76 -5.40 -19.66
C GLU B 77 14.74 -6.34 -20.28
N THR B 78 14.16 -7.28 -19.52
CA THR B 78 13.07 -8.09 -20.04
C THR B 78 11.88 -7.20 -20.35
N LYS B 79 11.34 -7.30 -21.58
CA LYS B 79 10.28 -6.40 -21.97
C LYS B 79 8.97 -6.80 -21.28
N LEU B 80 8.14 -5.79 -21.07
CA LEU B 80 6.80 -6.07 -20.52
C LEU B 80 5.77 -6.07 -21.65
N VAL B 81 4.87 -7.03 -21.56
CA VAL B 81 3.83 -7.19 -22.59
C VAL B 81 2.49 -7.46 -21.93
N LEU B 82 1.42 -7.48 -22.75
CA LEU B 82 0.13 -7.96 -22.29
C LEU B 82 -0.10 -9.39 -22.76
N HIS B 83 -0.77 -10.19 -21.93
CA HIS B 83 -1.11 -11.55 -22.30
C HIS B 83 -2.33 -11.99 -21.49
N GLN B 84 -3.18 -12.82 -22.10
CA GLN B 84 -4.37 -13.27 -21.42
C GLN B 84 -4.10 -14.29 -20.30
N ASP B 85 -2.96 -14.99 -20.29
CA ASP B 85 -2.79 -16.06 -19.33
C ASP B 85 -2.71 -15.50 -17.91
N ARG B 86 -3.22 -16.27 -16.95
CA ARG B 86 -3.05 -15.95 -15.53
C ARG B 86 -2.16 -17.01 -14.88
N HIS B 87 -1.07 -16.57 -14.27
CA HIS B 87 -0.21 -17.48 -13.50
C HIS B 87 0.67 -16.65 -12.58
N ASP B 88 1.40 -17.35 -11.70
CA ASP B 88 2.17 -16.68 -10.66
C ASP B 88 3.32 -15.84 -11.16
N ARG B 89 3.80 -16.07 -12.37
CA ARG B 89 4.91 -15.30 -12.90
C ARG B 89 4.48 -13.96 -13.45
N ALA B 90 3.16 -13.71 -13.49
CA ALA B 90 2.60 -12.40 -13.86
C ALA B 90 2.08 -11.65 -12.63
N LEU B 91 2.58 -11.95 -11.42
CA LEU B 91 2.12 -11.23 -10.24
C LEU B 91 2.98 -9.99 -9.99
N PHE B 92 2.33 -8.88 -9.70
CA PHE B 92 3.01 -7.62 -9.35
C PHE B 92 2.34 -7.03 -8.14
N ALA B 93 3.01 -6.03 -7.54
CA ALA B 93 2.41 -5.23 -6.48
C ALA B 93 2.49 -3.78 -6.88
N MET B 94 1.48 -3.01 -6.49
CA MET B 94 1.35 -1.60 -6.84
CA MET B 94 1.39 -1.60 -6.86
C MET B 94 1.74 -0.77 -5.62
N ASP B 95 3.00 -0.37 -5.54
CA ASP B 95 3.51 0.25 -4.31
C ASP B 95 3.18 1.72 -4.41
N PHE B 96 2.05 2.10 -3.84
CA PHE B 96 1.64 3.52 -3.91
C PHE B 96 2.20 4.36 -2.77
N PHE B 97 3.13 3.79 -1.97
CA PHE B 97 3.82 4.59 -0.97
C PHE B 97 5.20 5.01 -1.44
N ASN B 98 5.94 4.08 -2.06
CA ASN B 98 7.20 4.42 -2.71
C ASN B 98 7.03 4.83 -4.16
N ASP B 99 5.81 4.69 -4.70
CA ASP B 99 5.48 5.03 -6.07
C ASP B 99 6.27 4.19 -7.08
N ASN B 100 6.11 2.87 -7.01
CA ASN B 100 6.70 2.04 -8.06
C ASN B 100 5.81 0.82 -8.27
N ILE B 101 6.17 0.01 -9.28
CA ILE B 101 5.49 -1.23 -9.60
C ILE B 101 6.53 -2.33 -9.54
N ILE B 102 6.32 -3.29 -8.63
CA ILE B 102 7.31 -4.34 -8.35
C ILE B 102 6.75 -5.69 -8.75
N HIS B 103 7.57 -6.46 -9.48
CA HIS B 103 7.25 -7.84 -9.81
C HIS B 103 7.54 -8.77 -8.63
N LYS B 104 6.88 -9.95 -8.64
CA LYS B 104 7.01 -10.89 -7.54
C LYS B 104 8.47 -11.25 -7.25
N ALA B 105 9.34 -11.27 -8.26
CA ALA B 105 10.73 -11.61 -8.02
C ALA B 105 11.60 -10.43 -7.68
N GLY B 106 11.02 -9.24 -7.54
CA GLY B 106 11.72 -8.13 -6.90
C GLY B 106 12.24 -7.02 -7.80
N LYS B 107 12.20 -7.14 -9.12
CA LYS B 107 12.59 -6.04 -9.99
C LYS B 107 11.36 -5.17 -10.30
N TYR B 108 11.60 -4.01 -10.89
CA TYR B 108 10.55 -2.98 -11.05
C TYR B 108 10.29 -2.70 -12.52
N ILE B 109 9.11 -2.11 -12.82
CA ILE B 109 8.85 -1.67 -14.20
C ILE B 109 9.57 -0.34 -14.44
N HIS B 110 10.35 -0.27 -15.53
CA HIS B 110 11.11 0.91 -15.93
C HIS B 110 10.76 1.31 -17.35
N PRO B 111 10.92 2.60 -17.70
CA PRO B 111 11.10 2.92 -19.13
C PRO B 111 12.47 2.41 -19.59
N LYS B 112 12.49 1.76 -20.75
CA LYS B 112 13.74 1.27 -21.32
C LYS B 112 14.73 2.42 -21.47
N GLY B 113 15.91 2.27 -20.85
CA GLY B 113 16.90 3.34 -20.84
C GLY B 113 16.77 4.32 -19.71
N GLY B 114 15.67 4.27 -18.94
CA GLY B 114 15.67 5.01 -17.69
C GLY B 114 15.61 6.51 -17.77
N SER B 115 15.06 7.06 -18.86
CA SER B 115 14.98 8.52 -18.97
C SER B 115 13.88 9.09 -18.09
N THR B 116 14.13 10.29 -17.55
CA THR B 116 13.04 11.04 -16.92
C THR B 116 12.07 11.66 -17.92
N ASN B 117 12.36 11.64 -19.22
CA ASN B 117 11.47 12.18 -20.25
C ASN B 117 11.53 11.29 -21.47
N PRO B 118 11.04 10.06 -21.36
CA PRO B 118 11.08 9.12 -22.48
C PRO B 118 10.13 9.59 -23.58
N PRO B 119 10.51 9.46 -24.84
CA PRO B 119 9.57 9.83 -25.90
C PRO B 119 8.41 8.86 -25.95
N ASN B 120 7.35 9.31 -26.59
CA ASN B 120 6.25 8.41 -26.87
C ASN B 120 6.76 7.17 -27.58
N GLU B 121 6.13 6.04 -27.27
CA GLU B 121 6.40 4.67 -27.74
C GLU B 121 7.61 4.01 -27.10
N THR B 122 8.25 4.63 -26.10
CA THR B 122 9.34 3.99 -25.37
C THR B 122 8.82 2.72 -24.73
N LEU B 123 9.53 1.60 -24.96
CA LEU B 123 9.19 0.34 -24.34
C LEU B 123 9.35 0.39 -22.83
N THR B 124 8.62 -0.47 -22.13
CA THR B 124 8.89 -0.70 -20.71
C THR B 124 9.53 -2.07 -20.54
N VAL B 125 10.43 -2.12 -19.54
CA VAL B 125 11.22 -3.31 -19.20
C VAL B 125 11.30 -3.47 -17.69
N MET B 126 11.68 -4.68 -17.27
CA MET B 126 12.02 -4.94 -15.87
C MET B 126 13.44 -4.47 -15.59
N HIS B 127 13.65 -3.87 -14.42
CA HIS B 127 15.02 -3.56 -14.00
C HIS B 127 15.04 -3.45 -12.50
N GLY B 128 16.14 -3.90 -11.87
CA GLY B 128 16.17 -3.82 -10.41
C GLY B 128 16.46 -2.45 -9.80
N ASP B 129 16.94 -1.48 -10.59
CA ASP B 129 17.33 -0.20 -10.02
C ASP B 129 16.09 0.56 -9.50
N LYS B 130 16.34 1.41 -8.52
CA LYS B 130 15.35 2.29 -7.91
C LYS B 130 15.84 3.71 -8.01
N HIS B 131 15.07 4.56 -8.69
CA HIS B 131 15.40 5.96 -8.91
C HIS B 131 14.17 6.70 -9.45
N LYS B 132 14.32 8.03 -9.62
CA LYS B 132 13.15 8.84 -9.94
C LYS B 132 12.48 8.44 -11.25
N ALA B 133 13.23 7.90 -12.22
CA ALA B 133 12.67 7.62 -13.53
C ALA B 133 11.94 6.28 -13.61
N MET B 134 11.88 5.51 -12.51
CA MET B 134 11.01 4.32 -12.50
C MET B 134 9.80 4.52 -11.60
N GLU B 135 9.55 5.72 -11.16
CA GLU B 135 8.42 5.98 -10.27
C GLU B 135 7.15 6.14 -11.09
N PHE B 136 6.06 5.55 -10.60
CA PHE B 136 4.73 5.63 -11.22
C PHE B 136 3.70 5.94 -10.15
N ILE B 137 2.65 6.70 -10.53
CA ILE B 137 1.53 6.94 -9.63
C ILE B 137 0.27 6.52 -10.38
N PHE B 138 -0.80 6.27 -9.62
CA PHE B 138 -1.98 5.58 -10.16
C PHE B 138 -3.14 6.56 -9.99
N VAL B 139 -3.66 7.09 -11.11
CA VAL B 139 -4.52 8.28 -11.00
C VAL B 139 -5.83 8.02 -11.70
N SER B 140 -6.79 8.89 -11.37
CA SER B 140 -8.14 8.83 -11.91
C SER B 140 -8.16 9.14 -13.41
N PRO B 141 -8.90 8.36 -14.20
CA PRO B 141 -9.16 8.75 -15.58
C PRO B 141 -9.87 10.07 -15.69
N LYS B 142 -10.52 10.52 -14.60
CA LYS B 142 -11.26 11.79 -14.59
C LYS B 142 -10.39 12.99 -14.21
N ASP B 143 -9.19 12.77 -13.65
CA ASP B 143 -8.35 13.87 -13.19
C ASP B 143 -6.96 13.26 -13.02
N LYS B 144 -6.06 13.53 -13.98
CA LYS B 144 -4.76 12.81 -14.01
C LYS B 144 -3.83 13.20 -12.86
N ASP B 145 -4.27 14.15 -12.04
CA ASP B 145 -3.46 14.47 -10.86
C ASP B 145 -4.01 13.84 -9.58
N LYS B 146 -5.17 13.16 -9.63
CA LYS B 146 -5.83 12.66 -8.42
C LYS B 146 -5.46 11.19 -8.25
N ARG B 147 -4.68 10.87 -7.22
CA ARG B 147 -4.39 9.47 -7.00
C ARG B 147 -5.62 8.71 -6.56
N VAL B 148 -5.72 7.44 -7.00
CA VAL B 148 -6.83 6.58 -6.61
C VAL B 148 -6.27 5.27 -6.04
N LEU B 149 -7.06 4.63 -5.20
CA LEU B 149 -6.65 3.40 -4.52
C LEU B 149 -6.87 2.21 -5.45
N VAL B 150 -5.79 1.58 -5.91
CA VAL B 150 -5.96 0.54 -6.92
C VAL B 150 -6.38 -0.78 -6.29
N TYR B 151 -6.21 -0.93 -4.96
CA TYR B 151 -6.46 -2.19 -4.28
C TYR B 151 -7.93 -2.42 -3.92
N VAL B 152 -8.77 -1.43 -4.03
CA VAL B 152 -10.22 -1.69 -3.91
C VAL B 152 -10.93 -1.53 -5.24
O5 A2G C . -9.25 14.67 21.23
C1 A2G C . -10.15 15.77 21.29
O1 A2G C . -10.89 15.69 22.47
C2 A2G C . -11.09 15.85 20.09
N2 A2G C . -12.07 16.90 20.27
C3 A2G C . -11.73 14.50 19.82
O3 A2G C . -12.49 14.54 18.63
C4 A2G C . -10.66 13.42 19.71
O4 A2G C . -9.78 13.74 18.64
C5 A2G C . -9.87 13.39 21.02
C6 A2G C . -8.75 12.38 20.99
O6 A2G C . -8.06 12.34 22.23
C7 A2G C . -13.30 16.73 20.77
O7 A2G C . -13.49 16.22 21.87
C8 A2G C . -14.43 17.21 19.91
O5 A2G D . -5.52 -5.89 28.67
C1 A2G D . -5.87 -6.99 29.49
O1 A2G D . -4.79 -7.24 30.33
C2 A2G D . -6.19 -8.21 28.62
N2 A2G D . -6.56 -9.41 29.35
C3 A2G D . -5.01 -8.53 27.71
O3 A2G D . -5.35 -9.60 26.85
C4 A2G D . -4.61 -7.29 26.90
O4 A2G D . -5.67 -6.96 26.01
C5 A2G D . -4.36 -6.13 27.85
C6 A2G D . -4.06 -4.83 27.14
O6 A2G D . -3.74 -3.80 28.06
C7 A2G D . -6.06 -9.79 30.51
O7 A2G D . -4.88 -9.63 30.79
C8 A2G D . -7.01 -10.46 31.46
C1 GOL E . 13.45 12.43 20.79
O1 GOL E . 13.37 12.90 19.46
C2 GOL E . 12.41 13.16 21.60
O2 GOL E . 11.15 12.71 21.17
C3 GOL E . 12.64 13.03 23.10
O3 GOL E . 11.75 12.06 23.60
C1 GOL F . 1.18 11.69 -1.66
O1 GOL F . 1.40 13.07 -1.59
C2 GOL F . -0.26 11.43 -1.29
O2 GOL F . -1.10 12.26 -2.05
C3 GOL F . -0.47 11.70 0.19
O3 GOL F . -1.58 12.57 0.29
C1 GOL G . 15.91 12.53 15.60
O1 GOL G . 14.65 12.98 15.20
C2 GOL G . 15.99 12.74 17.08
O2 GOL G . 15.37 11.65 17.78
C3 GOL G . 17.43 13.08 17.45
O3 GOL G . 17.53 14.47 17.25
C10 A1AAJ H . 13.17 7.11 21.20
C01 A1AAJ H . 15.26 3.52 18.92
C02 A1AAJ H . 15.15 4.97 19.37
C05 A1AAJ H . 13.67 7.00 19.76
C06 A1AAJ H . 12.74 7.61 18.79
C07 A1AAJ H . 11.36 7.17 18.98
C08 A1AAJ H . 10.94 7.44 20.43
C12 A1AAJ H . 9.49 7.06 20.68
N04 A1AAJ H . 13.85 5.62 19.38
O03 A1AAJ H . 16.12 5.56 19.69
O09 A1AAJ H . 11.78 6.71 21.35
O11 A1AAJ H . 13.25 8.43 21.59
O13 A1AAJ H . 9.21 7.34 22.00
O14 A1AAJ H . 11.22 5.81 18.68
O15 A1AAJ H . 13.17 7.31 17.50
O5 A2G I . 18.02 1.98 -18.01
C1 A2G I . 19.27 2.51 -17.62
O1 A2G I . 20.25 1.55 -17.83
C2 A2G I . 19.36 2.97 -16.17
N2 A2G I . 20.77 3.16 -15.88
C3 A2G I . 18.79 1.88 -15.25
O3 A2G I . 18.71 2.43 -13.95
C4 A2G I . 17.41 1.42 -15.75
O4 A2G I . 16.50 2.49 -15.59
C5 A2G I . 17.50 0.93 -17.20
C6 A2G I . 16.11 0.58 -17.80
O6 A2G I . 16.28 0.13 -19.13
C7 A2G I . 21.68 3.92 -16.51
O7 A2G I . 21.45 4.64 -17.48
C8 A2G I . 23.07 3.83 -15.91
O5 A2G J . 4.93 -15.89 -22.19
C1 A2G J . 4.78 -17.28 -22.28
O1 A2G J . 4.46 -17.51 -23.61
C2 A2G J . 3.74 -17.93 -21.36
N2 A2G J . 3.48 -19.29 -21.82
C3 A2G J . 2.45 -17.12 -21.22
O3 A2G J . 1.67 -17.68 -20.21
C4 A2G J . 2.82 -15.66 -20.94
O4 A2G J . 3.56 -15.62 -19.71
C5 A2G J . 3.70 -15.15 -22.07
C6 A2G J . 4.20 -13.71 -21.87
O6 A2G J . 4.97 -13.29 -22.99
C7 A2G J . 4.33 -20.34 -21.53
O7 A2G J . 5.35 -20.24 -20.87
C8 A2G J . 3.94 -21.69 -22.10
O5 A2G K . -1.03 3.83 -29.95
C1 A2G K . -1.92 4.43 -30.85
O1 A2G K . -1.14 5.16 -31.78
C2 A2G K . -2.92 5.40 -30.20
N2 A2G K . -3.42 6.27 -31.27
C3 A2G K . -2.27 6.27 -29.13
O3 A2G K . -3.29 7.01 -28.52
C4 A2G K . -1.48 5.41 -28.13
O4 A2G K . -2.45 4.50 -27.58
C5 A2G K . -0.45 4.64 -28.95
C6 A2G K . 0.39 3.69 -28.10
O6 A2G K . 1.23 2.88 -28.89
C7 A2G K . -4.62 6.21 -31.87
O7 A2G K . -5.49 5.39 -31.60
C8 A2G K . -4.85 7.26 -32.95
C1 GOL L . 6.42 -9.90 2.20
O1 GOL L . 7.11 -8.70 2.48
C2 GOL L . 5.88 -9.74 0.79
O2 GOL L . 6.74 -8.83 0.14
C3 GOL L . 5.75 -11.02 -0.02
O3 GOL L . 4.40 -11.42 0.11
C1 GOL M . 19.43 -14.45 -13.46
O1 GOL M . 20.24 -13.37 -13.87
C2 GOL M . 18.17 -13.94 -12.80
O2 GOL M . 18.38 -14.04 -11.39
C3 GOL M . 17.85 -12.53 -13.29
O3 GOL M . 16.88 -11.97 -12.43
C1 GOL N . -3.47 -5.70 -32.33
O1 GOL N . -2.46 -6.66 -32.17
C2 GOL N . -3.10 -4.64 -31.32
O2 GOL N . -2.07 -5.19 -30.53
C3 GOL N . -2.67 -3.32 -31.98
O3 GOL N . -1.50 -3.53 -32.76
C1 GOL O . 2.11 -17.81 -25.39
O1 GOL O . 3.18 -18.68 -25.62
C2 GOL O . 1.48 -17.33 -26.69
O2 GOL O . 0.09 -17.31 -26.53
C3 GOL O . 1.93 -15.91 -26.97
O3 GOL O . 1.20 -15.46 -28.10
C ACT P . 1.00 -16.47 -4.68
O ACT P . -0.14 -16.82 -5.04
OXT ACT P . 1.23 -15.43 -4.02
CH3 ACT P . 2.18 -17.35 -5.08
C1 PEG Q . -5.84 -18.28 -20.48
O1 PEG Q . -5.36 -18.29 -21.80
C2 PEG Q . -7.29 -17.98 -20.43
O2 PEG Q . -7.62 -17.54 -19.12
C3 PEG Q . -7.00 -16.30 -18.80
C4 PEG Q . -7.56 -15.22 -19.67
O4 PEG Q . -8.70 -14.63 -19.09
#